data_4EZX
#
_entry.id   4EZX
#
_cell.length_a   77.611
_cell.length_b   149.345
_cell.length_c   45.355
_cell.angle_alpha   90.00
_cell.angle_beta   90.00
_cell.angle_gamma   90.00
#
_symmetry.space_group_name_H-M   'P 21 21 2'
#
loop_
_entity.id
_entity.type
_entity.pdbx_description
1 polymer 'Chaperone protein DnaK'
2 polymer 'synthetic peptide NRLMLTG'
3 non-polymer 'SULFATE ION'
4 water water
#
loop_
_entity_poly.entity_id
_entity_poly.type
_entity_poly.pdbx_seq_one_letter_code
_entity_poly.pdbx_strand_id
1 'polypeptide(L)'
;VLLLDVTPLSLGIETMGGVMTTLIAKNTTIPTKHSQVFSTAEDNQSAVTIHVLQGERKRAADNKSLGQFNLDGINPAPRG
MPQIEVTFDIDADGILHVSAKDKNSGKEQKITIKASSGLNEDEIQKMVRDAEANAEADRKFEELVQTRNQGDHLLHSTRK
QVEEAGDKLPADDKTAIESALTALETALKGEDKAAIEAKMQELAQVSQKLMEIAQQQHA
;
A,B
2 'polypeptide(L)' NRLMLTG C,D
#
loop_
_chem_comp.id
_chem_comp.type
_chem_comp.name
_chem_comp.formula
SO4 non-polymer 'SULFATE ION' 'O4 S -2'
#
# COMPACT_ATOMS: atom_id res chain seq x y z
N VAL A 1 -39.22 3.94 -37.73
CA VAL A 1 -39.99 2.78 -37.09
C VAL A 1 -40.36 3.12 -35.69
N LEU A 2 -41.48 2.55 -35.20
CA LEU A 2 -41.87 2.84 -33.83
C LEU A 2 -41.60 1.61 -32.93
N LEU A 3 -41.10 0.56 -33.51
CA LEU A 3 -40.86 -0.65 -32.68
C LEU A 3 -39.76 -1.46 -33.25
N LEU A 4 -39.02 -2.14 -32.37
CA LEU A 4 -38.04 -3.08 -32.86
C LEU A 4 -37.56 -3.99 -31.73
N ASP A 5 -36.94 -5.12 -32.13
CA ASP A 5 -36.48 -6.09 -31.11
C ASP A 5 -35.11 -5.75 -30.63
N VAL A 6 -35.00 -5.70 -29.31
CA VAL A 6 -33.67 -5.51 -28.70
C VAL A 6 -33.38 -6.64 -27.71
N THR A 7 -32.13 -6.75 -27.26
CA THR A 7 -31.88 -7.56 -26.10
C THR A 7 -31.95 -6.55 -24.93
N PRO A 8 -32.73 -6.85 -23.90
CA PRO A 8 -33.11 -5.72 -23.00
C PRO A 8 -32.10 -5.45 -21.90
N LEU A 9 -31.16 -6.35 -21.65
CA LEU A 9 -30.15 -6.14 -20.67
C LEU A 9 -28.80 -6.49 -21.25
N SER A 10 -27.76 -5.90 -20.66
CA SER A 10 -26.41 -6.28 -21.11
C SER A 10 -26.14 -7.78 -20.91
N LEU A 11 -25.35 -8.36 -21.83
CA LEU A 11 -25.02 -9.79 -21.81
C LEU A 11 -23.50 -9.88 -21.77
N GLY A 12 -23.00 -10.79 -20.94
CA GLY A 12 -21.52 -10.86 -20.88
C GLY A 12 -21.07 -12.06 -20.08
N ILE A 13 -19.83 -12.01 -19.53
CA ILE A 13 -19.31 -13.15 -18.83
C ILE A 13 -18.64 -12.68 -17.56
N GLU A 14 -18.53 -13.59 -16.63
CA GLU A 14 -17.78 -13.24 -15.40
C GLU A 14 -16.27 -13.28 -15.68
N THR A 15 -15.55 -12.28 -15.19
CA THR A 15 -14.09 -12.27 -15.36
C THR A 15 -13.46 -12.21 -13.94
N MET A 16 -12.14 -12.41 -13.90
CA MET A 16 -11.38 -12.57 -12.58
C MET A 16 -11.84 -11.58 -11.52
N GLY A 17 -12.16 -12.15 -10.35
CA GLY A 17 -12.57 -11.28 -9.21
C GLY A 17 -14.06 -11.22 -9.06
N GLY A 18 -14.83 -11.90 -9.91
CA GLY A 18 -16.29 -11.89 -9.74
C GLY A 18 -16.97 -10.66 -10.32
N VAL A 19 -16.43 -10.11 -11.41
CA VAL A 19 -17.06 -8.99 -12.06
C VAL A 19 -17.71 -9.41 -13.37
N MET A 20 -18.72 -8.66 -13.78
CA MET A 20 -19.33 -8.88 -15.08
C MET A 20 -18.59 -8.02 -16.12
N THR A 21 -18.19 -8.63 -17.22
CA THR A 21 -17.66 -7.91 -18.36
C THR A 21 -18.67 -8.10 -19.49
N THR A 22 -19.12 -6.98 -20.03
CA THR A 22 -20.19 -6.98 -21.02
C THR A 22 -19.63 -7.26 -22.39
N LEU A 23 -20.33 -8.11 -23.17
CA LEU A 23 -20.06 -8.30 -24.58
C LEU A 23 -21.10 -7.65 -25.44
N ILE A 24 -22.36 -7.62 -24.98
CA ILE A 24 -23.46 -6.98 -25.79
C ILE A 24 -24.16 -6.03 -24.88
N ALA A 25 -24.15 -4.73 -25.26
CA ALA A 25 -24.77 -3.75 -24.32
C ALA A 25 -26.32 -3.85 -24.30
N LYS A 26 -26.89 -3.48 -23.14
CA LYS A 26 -28.37 -3.40 -23.02
C LYS A 26 -28.96 -2.55 -24.17
N ASN A 27 -30.07 -3.07 -24.68
CA ASN A 27 -30.86 -2.42 -25.71
C ASN A 27 -30.21 -2.41 -27.08
N THR A 28 -29.25 -3.29 -27.28
CA THR A 28 -28.68 -3.43 -28.67
C THR A 28 -29.74 -4.17 -29.53
N THR A 29 -29.92 -3.65 -30.75
CA THR A 29 -30.91 -4.28 -31.65
C THR A 29 -30.42 -5.72 -32.00
N ILE A 30 -31.34 -6.65 -32.12
CA ILE A 30 -31.04 -8.01 -32.57
C ILE A 30 -31.44 -8.15 -34.06
N PRO A 31 -30.72 -8.99 -34.82
CA PRO A 31 -29.56 -9.82 -34.37
C PRO A 31 -28.29 -8.96 -34.17
N THR A 32 -27.35 -9.50 -33.40
CA THR A 32 -26.09 -8.85 -33.20
C THR A 32 -25.03 -9.86 -32.78
N LYS A 33 -23.78 -9.52 -33.02
CA LYS A 33 -22.72 -10.45 -32.64
C LYS A 33 -21.56 -9.58 -32.16
N HIS A 34 -20.90 -10.00 -31.10
CA HIS A 34 -19.67 -9.32 -30.66
C HIS A 34 -18.68 -10.32 -30.07
N SER A 35 -17.38 -10.11 -30.28
CA SER A 35 -16.39 -11.08 -29.67
C SER A 35 -15.39 -10.25 -28.91
N GLN A 36 -14.71 -10.91 -27.98
CA GLN A 36 -13.65 -10.20 -27.26
C GLN A 36 -12.67 -11.30 -26.86
N VAL A 37 -11.39 -10.95 -26.80
CA VAL A 37 -10.36 -11.96 -26.41
C VAL A 37 -9.99 -11.82 -24.98
N PHE A 38 -9.93 -12.93 -24.24
CA PHE A 38 -9.60 -12.93 -22.81
C PHE A 38 -8.39 -13.86 -22.65
N SER A 39 -7.83 -13.81 -21.45
CA SER A 39 -6.76 -14.76 -21.15
C SER A 39 -7.07 -15.43 -19.80
N THR A 40 -6.12 -16.24 -19.35
CA THR A 40 -6.28 -16.94 -18.08
C THR A 40 -5.80 -16.06 -16.93
N ALA A 41 -6.35 -16.35 -15.75
CA ALA A 41 -6.17 -15.54 -14.52
C ALA A 41 -4.93 -15.91 -13.70
N GLU A 42 -4.51 -17.16 -13.81
CA GLU A 42 -3.40 -17.63 -13.03
C GLU A 42 -2.54 -18.55 -13.90
N ASP A 43 -1.33 -18.69 -13.44
CA ASP A 43 -0.34 -19.49 -14.19
C ASP A 43 -0.82 -20.94 -14.24
N ASN A 44 -0.53 -21.58 -15.37
CA ASN A 44 -0.72 -23.04 -15.53
C ASN A 44 -2.18 -23.47 -15.57
N GLN A 45 -3.07 -22.56 -15.95
CA GLN A 45 -4.46 -22.95 -16.01
C GLN A 45 -4.77 -23.69 -17.28
N SER A 46 -5.42 -24.84 -17.21
CA SER A 46 -5.68 -25.56 -18.44
CA SER A 46 -5.69 -25.59 -18.44
C SER A 46 -7.19 -25.44 -18.83
N ALA A 47 -7.96 -24.78 -18.02
CA ALA A 47 -9.35 -24.56 -18.40
C ALA A 47 -9.75 -23.12 -18.04
N VAL A 48 -10.84 -22.69 -18.66
CA VAL A 48 -11.50 -21.45 -18.19
C VAL A 48 -12.98 -21.82 -18.05
N THR A 49 -13.66 -21.18 -17.10
CA THR A 49 -15.12 -21.39 -16.99
C THR A 49 -15.79 -20.12 -17.60
N ILE A 50 -16.71 -20.34 -18.54
CA ILE A 50 -17.46 -19.22 -19.17
C ILE A 50 -18.81 -19.17 -18.47
N HIS A 51 -19.07 -18.12 -17.68
CA HIS A 51 -20.34 -17.99 -16.93
CA HIS A 51 -20.31 -18.04 -16.99
C HIS A 51 -21.02 -16.88 -17.65
N VAL A 52 -22.12 -17.18 -18.35
CA VAL A 52 -22.86 -16.25 -19.16
C VAL A 52 -23.89 -15.51 -18.28
N LEU A 53 -23.88 -14.20 -18.34
CA LEU A 53 -24.67 -13.37 -17.41
C LEU A 53 -25.50 -12.34 -18.15
N GLN A 54 -26.66 -12.05 -17.58
CA GLN A 54 -27.51 -10.98 -18.16
C GLN A 54 -27.76 -9.98 -17.01
N GLY A 55 -27.44 -8.72 -17.25
CA GLY A 55 -27.74 -7.68 -16.24
C GLY A 55 -26.76 -6.56 -16.34
N GLU A 56 -26.94 -5.58 -15.42
CA GLU A 56 -26.26 -4.33 -15.48
C GLU A 56 -25.29 -4.12 -14.27
N ARG A 57 -25.16 -5.08 -13.40
CA ARG A 57 -24.42 -4.82 -12.13
C ARG A 57 -23.00 -5.23 -12.35
N LYS A 58 -22.06 -4.54 -11.64
CA LYS A 58 -20.66 -4.89 -11.81
C LYS A 58 -20.26 -6.18 -11.09
N ARG A 59 -20.90 -6.47 -9.93
CA ARG A 59 -20.63 -7.79 -9.27
C ARG A 59 -21.34 -8.87 -10.11
N ALA A 60 -20.56 -9.82 -10.58
CA ALA A 60 -21.13 -10.84 -11.49
C ALA A 60 -22.35 -11.52 -10.89
N ALA A 61 -22.25 -11.89 -9.63
CA ALA A 61 -23.36 -12.65 -9.01
C ALA A 61 -24.64 -11.90 -8.87
N ASP A 62 -24.58 -10.56 -8.94
CA ASP A 62 -25.84 -9.79 -8.92
C ASP A 62 -26.63 -9.87 -10.24
N ASN A 63 -26.02 -10.39 -11.29
CA ASN A 63 -26.68 -10.54 -12.57
C ASN A 63 -27.26 -11.91 -12.64
N LYS A 64 -28.12 -12.07 -13.65
CA LYS A 64 -28.78 -13.40 -13.83
C LYS A 64 -27.88 -14.34 -14.59
N SER A 65 -27.73 -15.53 -14.07
CA SER A 65 -26.96 -16.57 -14.81
CA SER A 65 -26.97 -16.60 -14.81
C SER A 65 -27.79 -17.15 -15.97
N LEU A 66 -27.23 -17.15 -17.17
CA LEU A 66 -27.91 -17.79 -18.36
C LEU A 66 -27.35 -19.16 -18.63
N GLY A 67 -26.23 -19.52 -17.97
CA GLY A 67 -25.64 -20.79 -18.37
C GLY A 67 -24.14 -20.71 -18.15
N GLN A 68 -23.50 -21.89 -18.15
CA GLN A 68 -22.06 -21.88 -18.02
C GLN A 68 -21.45 -23.11 -18.68
N PHE A 69 -20.18 -23.05 -19.05
CA PHE A 69 -19.53 -24.21 -19.61
C PHE A 69 -18.05 -23.97 -19.39
N ASN A 70 -17.33 -25.05 -19.46
CA ASN A 70 -15.89 -24.95 -19.40
C ASN A 70 -15.26 -25.17 -20.75
N LEU A 71 -14.14 -24.49 -20.94
CA LEU A 71 -13.30 -24.75 -22.12
C LEU A 71 -12.02 -25.35 -21.54
N ASP A 72 -11.76 -26.62 -21.92
CA ASP A 72 -10.65 -27.36 -21.36
C ASP A 72 -9.60 -27.59 -22.41
N GLY A 73 -8.45 -28.09 -21.94
CA GLY A 73 -7.34 -28.47 -22.83
C GLY A 73 -6.36 -27.36 -23.23
N ILE A 74 -6.47 -26.20 -22.60
CA ILE A 74 -5.48 -25.10 -22.83
C ILE A 74 -4.12 -25.61 -22.36
N ASN A 75 -3.08 -25.32 -23.10
CA ASN A 75 -1.76 -25.76 -22.64
C ASN A 75 -1.39 -24.92 -21.43
N PRO A 76 -0.99 -25.49 -20.32
CA PRO A 76 -0.68 -24.65 -19.12
C PRO A 76 0.46 -23.70 -19.38
N ALA A 77 0.22 -22.42 -19.13
CA ALA A 77 1.15 -21.37 -19.54
C ALA A 77 1.02 -20.20 -18.56
N PRO A 78 1.95 -19.25 -18.63
CA PRO A 78 1.80 -18.08 -17.76
C PRO A 78 0.46 -17.35 -17.90
N ARG A 79 -0.10 -16.86 -16.77
CA ARG A 79 -1.33 -16.06 -16.83
C ARG A 79 -1.17 -14.94 -17.87
N GLY A 80 -2.19 -14.66 -18.64
CA GLY A 80 -2.13 -13.54 -19.61
C GLY A 80 -1.64 -14.00 -20.98
N MET A 81 -1.09 -15.23 -21.04
CA MET A 81 -0.51 -15.68 -22.32
C MET A 81 -1.58 -16.29 -23.25
N PRO A 82 -2.44 -17.21 -22.77
CA PRO A 82 -3.46 -17.77 -23.68
C PRO A 82 -4.41 -16.73 -24.22
N GLN A 83 -4.88 -16.97 -25.46
CA GLN A 83 -5.77 -16.02 -26.09
CA GLN A 83 -5.78 -16.03 -26.13
C GLN A 83 -7.08 -16.76 -26.37
N ILE A 84 -8.12 -16.39 -25.59
CA ILE A 84 -9.39 -17.20 -25.63
C ILE A 84 -10.42 -16.26 -26.20
N GLU A 85 -10.81 -16.53 -27.45
CA GLU A 85 -11.78 -15.63 -28.10
CA GLU A 85 -11.78 -15.67 -28.17
C GLU A 85 -13.19 -16.06 -27.72
N VAL A 86 -13.96 -15.15 -27.14
CA VAL A 86 -15.33 -15.47 -26.67
C VAL A 86 -16.28 -14.70 -27.58
N THR A 87 -17.27 -15.38 -28.14
CA THR A 87 -18.18 -14.70 -29.15
C THR A 87 -19.60 -14.84 -28.67
N PHE A 88 -20.38 -13.74 -28.61
CA PHE A 88 -21.79 -13.88 -28.33
C PHE A 88 -22.52 -13.50 -29.62
N ASP A 89 -23.51 -14.31 -30.01
CA ASP A 89 -24.23 -14.01 -31.22
C ASP A 89 -25.68 -14.24 -30.88
N ILE A 90 -26.51 -13.21 -31.01
CA ILE A 90 -27.95 -13.35 -30.75
C ILE A 90 -28.66 -13.30 -32.09
N ASP A 91 -29.40 -14.36 -32.45
CA ASP A 91 -30.05 -14.33 -33.78
C ASP A 91 -31.37 -13.53 -33.76
N ALA A 92 -32.02 -13.45 -34.91
CA ALA A 92 -33.22 -12.61 -35.08
C ALA A 92 -34.37 -13.19 -34.22
N ASP A 93 -34.30 -14.48 -33.82
CA ASP A 93 -35.32 -15.06 -32.91
C ASP A 93 -34.94 -15.01 -31.41
N GLY A 94 -33.85 -14.31 -31.08
CA GLY A 94 -33.49 -14.08 -29.71
C GLY A 94 -32.66 -15.18 -29.12
N ILE A 95 -32.27 -16.16 -29.93
CA ILE A 95 -31.46 -17.29 -29.40
C ILE A 95 -30.00 -16.82 -29.31
N LEU A 96 -29.43 -17.07 -28.11
CA LEU A 96 -28.07 -16.55 -27.89
C LEU A 96 -27.08 -17.72 -28.05
N HIS A 97 -26.08 -17.58 -28.90
CA HIS A 97 -25.06 -18.62 -29.08
C HIS A 97 -23.75 -18.05 -28.49
N VAL A 98 -23.13 -18.74 -27.53
CA VAL A 98 -21.88 -18.22 -26.92
C VAL A 98 -20.82 -19.31 -27.24
N SER A 99 -19.65 -18.89 -27.72
CA SER A 99 -18.58 -19.88 -27.99
C SER A 99 -17.33 -19.31 -27.36
N ALA A 100 -16.45 -20.21 -26.98
CA ALA A 100 -15.09 -19.79 -26.49
C ALA A 100 -14.07 -20.67 -27.22
N LYS A 101 -13.01 -20.07 -27.76
CA LYS A 101 -12.02 -20.86 -28.51
C LYS A 101 -10.64 -20.43 -28.08
N ASP A 102 -9.80 -21.44 -27.68
CA ASP A 102 -8.45 -21.15 -27.34
C ASP A 102 -7.61 -21.09 -28.65
N LYS A 103 -6.98 -19.95 -28.92
CA LYS A 103 -6.32 -19.84 -30.25
C LYS A 103 -5.15 -20.79 -30.40
N ASN A 104 -4.36 -20.98 -29.35
CA ASN A 104 -3.16 -21.87 -29.51
C ASN A 104 -3.57 -23.31 -29.77
N SER A 105 -4.52 -23.79 -28.96
CA SER A 105 -4.86 -25.27 -29.05
C SER A 105 -5.92 -25.54 -30.03
N GLY A 106 -6.71 -24.49 -30.39
CA GLY A 106 -7.83 -24.69 -31.34
C GLY A 106 -9.04 -25.28 -30.64
N LYS A 107 -8.96 -25.57 -29.34
CA LYS A 107 -10.10 -26.14 -28.61
C LYS A 107 -11.22 -25.12 -28.48
N GLU A 108 -12.43 -25.64 -28.63
CA GLU A 108 -13.62 -24.75 -28.64
C GLU A 108 -14.76 -25.43 -27.90
N GLN A 109 -15.53 -24.64 -27.22
CA GLN A 109 -16.79 -25.17 -26.66
C GLN A 109 -17.85 -24.11 -26.85
N LYS A 110 -19.11 -24.56 -26.86
CA LYS A 110 -20.13 -23.54 -27.02
C LYS A 110 -21.40 -23.98 -26.32
N ILE A 111 -22.32 -23.02 -26.22
CA ILE A 111 -23.66 -23.35 -25.68
C ILE A 111 -24.69 -22.49 -26.41
N THR A 112 -25.93 -22.99 -26.37
CA THR A 112 -27.02 -22.26 -27.03
C THR A 112 -27.99 -21.99 -25.94
N ILE A 113 -28.44 -20.74 -25.86
CA ILE A 113 -29.32 -20.31 -24.73
C ILE A 113 -30.63 -19.86 -25.36
N LYS A 114 -31.73 -20.46 -24.90
CA LYS A 114 -33.02 -20.13 -25.57
C LYS A 114 -33.45 -18.68 -25.29
N ALA A 115 -34.28 -18.13 -26.17
CA ALA A 115 -34.67 -16.71 -26.09
C ALA A 115 -35.52 -16.43 -24.87
N SER A 116 -36.17 -17.48 -24.35
CA SER A 116 -37.01 -17.30 -23.17
C SER A 116 -36.20 -17.26 -21.86
N SER A 117 -34.91 -17.47 -21.95
CA SER A 117 -34.05 -17.49 -20.74
C SER A 117 -33.94 -16.10 -20.14
N GLY A 118 -33.53 -16.05 -18.89
CA GLY A 118 -33.20 -14.74 -18.33
C GLY A 118 -34.37 -14.05 -17.62
N LEU A 119 -34.22 -12.75 -17.42
CA LEU A 119 -35.17 -12.08 -16.51
C LEU A 119 -36.45 -11.68 -17.29
N ASN A 120 -37.58 -11.60 -16.54
CA ASN A 120 -38.83 -11.15 -17.14
C ASN A 120 -38.99 -9.63 -17.06
N GLU A 121 -40.13 -9.14 -17.56
CA GLU A 121 -40.23 -7.67 -17.70
C GLU A 121 -40.04 -6.92 -16.35
N ASP A 122 -40.70 -7.41 -15.30
CA ASP A 122 -40.62 -6.73 -14.02
CA ASP A 122 -40.62 -6.71 -14.01
C ASP A 122 -39.17 -6.75 -13.47
N GLU A 123 -38.52 -7.89 -13.64
CA GLU A 123 -37.14 -8.08 -13.19
C GLU A 123 -36.14 -7.24 -13.99
N ILE A 124 -36.46 -7.03 -15.28
CA ILE A 124 -35.65 -6.19 -16.12
C ILE A 124 -35.73 -4.76 -15.63
N GLN A 125 -36.93 -4.28 -15.36
CA GLN A 125 -37.07 -2.90 -14.83
CA GLN A 125 -37.10 -2.91 -14.79
C GLN A 125 -36.39 -2.75 -13.46
N LYS A 126 -36.51 -3.76 -12.60
CA LYS A 126 -35.84 -3.68 -11.32
C LYS A 126 -34.28 -3.68 -11.44
N MET A 127 -33.77 -4.50 -12.37
CA MET A 127 -32.34 -4.57 -12.58
C MET A 127 -31.84 -3.20 -13.03
N VAL A 128 -32.54 -2.56 -13.98
CA VAL A 128 -32.08 -1.26 -14.45
C VAL A 128 -32.16 -0.23 -13.33
N ARG A 129 -33.23 -0.24 -12.55
CA ARG A 129 -33.38 0.73 -11.45
C ARG A 129 -32.23 0.52 -10.43
N ASP A 130 -31.96 -0.72 -10.06
CA ASP A 130 -30.98 -1.00 -9.03
C ASP A 130 -29.61 -0.66 -9.56
N ALA A 131 -29.35 -0.93 -10.85
CA ALA A 131 -28.06 -0.60 -11.34
C ALA A 131 -27.79 0.94 -11.32
N GLU A 132 -28.81 1.72 -11.67
CA GLU A 132 -28.68 3.18 -11.69
C GLU A 132 -28.43 3.67 -10.28
N ALA A 133 -29.18 3.09 -9.33
CA ALA A 133 -29.09 3.54 -7.92
C ALA A 133 -27.73 3.22 -7.31
N ASN A 134 -27.14 2.13 -7.77
CA ASN A 134 -25.89 1.64 -7.26
C ASN A 134 -24.72 1.97 -8.17
N ALA A 135 -24.84 2.99 -8.99
CA ALA A 135 -23.80 3.20 -10.04
C ALA A 135 -22.44 3.47 -9.44
N GLU A 136 -22.42 4.39 -8.48
CA GLU A 136 -21.18 4.74 -7.78
C GLU A 136 -20.66 3.55 -6.98
N ALA A 137 -21.53 2.85 -6.25
CA ALA A 137 -21.04 1.68 -5.47
C ALA A 137 -20.44 0.59 -6.37
N ASP A 138 -21.08 0.39 -7.52
CA ASP A 138 -20.56 -0.60 -8.48
C ASP A 138 -19.20 -0.17 -9.04
N ARG A 139 -19.01 1.12 -9.25
CA ARG A 139 -17.69 1.59 -9.71
C ARG A 139 -16.65 1.33 -8.63
N LYS A 140 -17.02 1.58 -7.38
CA LYS A 140 -16.05 1.37 -6.28
C LYS A 140 -15.75 -0.16 -6.20
N PHE A 141 -16.77 -1.01 -6.43
CA PHE A 141 -16.56 -2.45 -6.37
C PHE A 141 -15.55 -2.82 -7.50
N GLU A 142 -15.72 -2.27 -8.71
CA GLU A 142 -14.80 -2.61 -9.76
CA GLU A 142 -14.82 -2.53 -9.81
C GLU A 142 -13.36 -2.19 -9.41
N GLU A 143 -13.21 -1.02 -8.81
CA GLU A 143 -11.88 -0.59 -8.35
C GLU A 143 -11.31 -1.60 -7.32
N LEU A 144 -12.14 -2.00 -6.36
CA LEU A 144 -11.71 -2.94 -5.36
C LEU A 144 -11.27 -4.25 -6.06
N VAL A 145 -12.06 -4.71 -7.02
CA VAL A 145 -11.72 -5.96 -7.69
C VAL A 145 -10.39 -5.82 -8.48
N GLN A 146 -10.18 -4.68 -9.12
CA GLN A 146 -8.92 -4.45 -9.89
C GLN A 146 -7.73 -4.60 -8.96
N THR A 147 -7.89 -4.02 -7.77
CA THR A 147 -6.81 -4.06 -6.77
C THR A 147 -6.64 -5.49 -6.18
N ARG A 148 -7.74 -6.18 -5.88
CA ARG A 148 -7.63 -7.56 -5.37
C ARG A 148 -6.93 -8.43 -6.43
N ASN A 149 -7.26 -8.18 -7.70
CA ASN A 149 -6.68 -9.04 -8.79
C ASN A 149 -5.13 -8.78 -8.87
N GLN A 150 -4.75 -7.55 -8.68
CA GLN A 150 -3.34 -7.22 -8.65
C GLN A 150 -2.69 -7.86 -7.43
N GLY A 151 -3.39 -7.79 -6.30
CA GLY A 151 -2.89 -8.39 -5.04
C GLY A 151 -2.75 -9.90 -5.14
N ASP A 152 -3.76 -10.50 -5.78
CA ASP A 152 -3.78 -11.97 -5.90
C ASP A 152 -2.59 -12.38 -6.80
N HIS A 153 -2.43 -11.66 -7.91
CA HIS A 153 -1.23 -11.93 -8.74
C HIS A 153 0.13 -11.76 -8.08
N LEU A 154 0.25 -10.73 -7.23
CA LEU A 154 1.48 -10.49 -6.53
C LEU A 154 1.74 -11.64 -5.52
N LEU A 155 0.66 -12.15 -4.95
CA LEU A 155 0.73 -13.23 -3.96
C LEU A 155 1.25 -14.47 -4.67
N HIS A 156 0.71 -14.78 -5.83
CA HIS A 156 1.22 -15.95 -6.61
C HIS A 156 2.61 -15.81 -7.11
N SER A 157 2.93 -14.64 -7.64
CA SER A 157 4.25 -14.35 -8.22
CA SER A 157 4.24 -14.40 -8.22
C SER A 157 5.33 -14.47 -7.13
N THR A 158 5.04 -13.88 -5.98
CA THR A 158 5.97 -13.91 -4.88
C THR A 158 6.20 -15.31 -4.36
N ARG A 159 5.13 -16.06 -4.13
CA ARG A 159 5.30 -17.47 -3.75
C ARG A 159 6.20 -18.25 -4.75
N LYS A 160 5.95 -18.05 -6.04
CA LYS A 160 6.73 -18.63 -7.13
C LYS A 160 8.23 -18.21 -7.01
N GLN A 161 8.49 -16.93 -6.79
CA GLN A 161 9.87 -16.52 -6.64
C GLN A 161 10.52 -17.10 -5.38
N VAL A 162 9.77 -17.19 -4.27
CA VAL A 162 10.31 -17.81 -3.05
C VAL A 162 10.68 -19.26 -3.31
N GLU A 163 9.83 -19.96 -4.04
CA GLU A 163 9.99 -21.37 -4.29
C GLU A 163 11.12 -21.57 -5.30
N GLU A 164 11.39 -20.56 -6.12
CA GLU A 164 12.47 -20.65 -7.08
C GLU A 164 13.80 -20.14 -6.55
N ALA A 165 13.79 -19.40 -5.45
CA ALA A 165 15.01 -18.82 -4.90
C ALA A 165 15.75 -19.86 -4.06
N GLY A 166 15.01 -20.88 -3.62
CA GLY A 166 15.51 -21.92 -2.73
C GLY A 166 16.36 -21.35 -1.62
N ASP A 167 17.48 -22.04 -1.35
CA ASP A 167 18.39 -21.56 -0.34
C ASP A 167 19.16 -20.30 -0.72
N LYS A 168 18.98 -19.76 -1.92
CA LYS A 168 19.62 -18.45 -2.27
C LYS A 168 18.91 -17.25 -1.58
N LEU A 169 17.66 -17.46 -1.17
CA LEU A 169 16.96 -16.45 -0.37
C LEU A 169 17.36 -16.61 1.11
N PRO A 170 17.95 -15.57 1.74
CA PRO A 170 18.29 -15.71 3.16
C PRO A 170 17.05 -16.01 3.94
N ALA A 171 17.26 -16.67 5.07
CA ALA A 171 16.20 -17.18 5.93
C ALA A 171 15.37 -16.05 6.52
N ASP A 172 16.02 -15.00 7.00
CA ASP A 172 15.31 -13.89 7.63
C ASP A 172 14.39 -13.20 6.63
N ASP A 173 14.83 -13.12 5.38
CA ASP A 173 13.97 -12.57 4.33
C ASP A 173 12.75 -13.48 4.16
N LYS A 174 13.01 -14.79 4.10
CA LYS A 174 11.89 -15.75 3.94
C LYS A 174 10.80 -15.61 4.99
N THR A 175 11.19 -15.48 6.24
CA THR A 175 10.27 -15.34 7.34
C THR A 175 9.42 -14.06 7.22
N ALA A 176 10.08 -12.93 6.92
CA ALA A 176 9.39 -11.67 6.71
C ALA A 176 8.46 -11.75 5.49
N ILE A 177 8.92 -12.37 4.40
CA ILE A 177 8.08 -12.46 3.15
C ILE A 177 6.86 -13.33 3.48
N GLU A 178 7.08 -14.41 4.22
CA GLU A 178 5.94 -15.30 4.53
C GLU A 178 4.89 -14.60 5.35
N SER A 179 5.33 -13.85 6.36
CA SER A 179 4.35 -13.23 7.22
C SER A 179 3.60 -12.11 6.37
N ALA A 180 4.33 -11.43 5.47
CA ALA A 180 3.74 -10.42 4.53
C ALA A 180 2.73 -11.07 3.57
N LEU A 181 2.99 -12.31 3.16
CA LEU A 181 2.10 -12.99 2.21
C LEU A 181 0.80 -13.30 2.98
N THR A 182 0.93 -13.74 4.24
CA THR A 182 -0.25 -14.02 5.08
C THR A 182 -1.14 -12.76 5.22
N ALA A 183 -0.48 -11.62 5.48
CA ALA A 183 -1.17 -10.37 5.79
C ALA A 183 -1.87 -9.92 4.49
N LEU A 184 -1.20 -10.13 3.36
CA LEU A 184 -1.80 -9.74 2.06
C LEU A 184 -3.04 -10.66 1.75
N GLU A 185 -2.90 -11.98 1.96
CA GLU A 185 -4.02 -12.92 1.77
C GLU A 185 -5.26 -12.52 2.62
N THR A 186 -5.02 -12.13 3.86
CA THR A 186 -6.08 -11.68 4.79
C THR A 186 -6.77 -10.42 4.23
N ALA A 187 -5.97 -9.45 3.78
CA ALA A 187 -6.52 -8.18 3.29
C ALA A 187 -7.36 -8.43 2.02
N LEU A 188 -6.89 -9.38 1.22
CA LEU A 188 -7.61 -9.72 -0.03
C LEU A 188 -9.03 -10.18 0.17
N LYS A 189 -9.33 -10.70 1.36
CA LYS A 189 -10.70 -11.14 1.67
C LYS A 189 -11.61 -10.00 2.08
N GLY A 190 -11.00 -8.87 2.46
CA GLY A 190 -11.73 -7.73 2.97
C GLY A 190 -12.24 -6.88 1.82
N GLU A 191 -13.04 -5.89 2.16
CA GLU A 191 -13.59 -5.01 1.14
C GLU A 191 -12.89 -3.64 1.10
N ASP A 192 -11.69 -3.50 1.67
CA ASP A 192 -11.01 -2.20 1.84
C ASP A 192 -9.86 -2.21 0.85
N LYS A 193 -10.01 -1.41 -0.19
CA LYS A 193 -8.99 -1.33 -1.22
C LYS A 193 -7.65 -0.81 -0.73
N ALA A 194 -7.64 0.26 0.05
CA ALA A 194 -6.42 0.80 0.59
C ALA A 194 -5.69 -0.22 1.44
N ALA A 195 -6.42 -1.04 2.23
CA ALA A 195 -5.78 -2.09 3.05
C ALA A 195 -5.04 -3.09 2.22
N ILE A 196 -5.59 -3.48 1.06
CA ILE A 196 -4.93 -4.42 0.18
C ILE A 196 -3.68 -3.78 -0.39
N GLU A 197 -3.81 -2.52 -0.88
CA GLU A 197 -2.68 -1.85 -1.49
C GLU A 197 -1.60 -1.70 -0.41
N ALA A 198 -1.98 -1.40 0.84
CA ALA A 198 -0.96 -1.25 1.88
C ALA A 198 -0.21 -2.58 2.09
N LYS A 199 -0.93 -3.72 2.09
CA LYS A 199 -0.24 -5.01 2.35
C LYS A 199 0.54 -5.46 1.12
N MET A 200 0.13 -5.01 -0.08
CA MET A 200 1.03 -5.14 -1.25
C MET A 200 2.36 -4.37 -0.99
N GLN A 201 2.25 -3.13 -0.53
CA GLN A 201 3.44 -2.31 -0.29
C GLN A 201 4.33 -2.95 0.79
N GLU A 202 3.72 -3.49 1.81
CA GLU A 202 4.55 -4.06 2.91
C GLU A 202 5.25 -5.30 2.43
N LEU A 203 4.60 -6.04 1.53
CA LEU A 203 5.23 -7.22 0.94
C LEU A 203 6.39 -6.78 0.04
N ALA A 204 6.20 -5.77 -0.83
CA ALA A 204 7.26 -5.25 -1.69
C ALA A 204 8.43 -4.86 -0.80
N GLN A 205 8.14 -4.19 0.31
CA GLN A 205 9.17 -3.68 1.23
C GLN A 205 10.03 -4.76 1.84
N VAL A 206 9.55 -5.99 1.91
CA VAL A 206 10.41 -7.08 2.45
C VAL A 206 10.93 -8.05 1.33
N SER A 207 10.66 -7.70 0.05
CA SER A 207 10.93 -8.63 -1.03
C SER A 207 12.13 -8.18 -1.85
N GLN A 208 12.93 -7.22 -1.34
CA GLN A 208 13.87 -6.55 -2.26
C GLN A 208 14.93 -7.53 -2.63
N LYS A 209 15.29 -8.33 -1.67
CA LYS A 209 16.36 -9.27 -1.88
C LYS A 209 15.78 -10.35 -2.78
N LEU A 210 14.53 -10.74 -2.55
CA LEU A 210 13.89 -11.68 -3.44
C LEU A 210 13.80 -11.15 -4.88
N MET A 211 13.58 -9.83 -5.05
CA MET A 211 13.51 -9.19 -6.39
C MET A 211 14.79 -9.38 -7.21
N GLU A 212 15.79 -10.00 -6.63
CA GLU A 212 16.98 -10.45 -7.39
C GLU A 212 17.21 -11.97 -7.30
N VAL B 1 19.82 0.35 49.41
CA VAL B 1 19.34 1.78 49.69
C VAL B 1 17.84 1.90 49.57
N LEU B 2 17.23 2.79 50.36
CA LEU B 2 15.76 3.13 50.26
C LEU B 2 15.52 4.42 49.58
N LEU B 3 16.64 5.10 49.20
CA LEU B 3 16.55 6.43 48.56
C LEU B 3 17.53 6.48 47.38
N LEU B 4 17.05 6.88 46.18
CA LEU B 4 17.96 7.08 45.08
C LEU B 4 17.62 8.43 44.53
N ASP B 5 18.60 9.23 44.14
CA ASP B 5 18.33 10.51 43.43
C ASP B 5 18.39 10.18 41.93
N VAL B 6 17.27 10.33 41.21
CA VAL B 6 17.16 9.87 39.86
C VAL B 6 16.61 11.01 39.00
N THR B 7 16.78 10.83 37.68
CA THR B 7 16.02 11.74 36.80
C THR B 7 14.63 11.11 36.66
N PRO B 8 13.54 11.88 36.96
CA PRO B 8 12.22 11.29 37.11
C PRO B 8 11.48 10.88 35.83
N LEU B 9 11.91 11.46 34.72
CA LEU B 9 11.31 11.19 33.41
C LEU B 9 12.45 10.90 32.42
N SER B 10 12.07 10.22 31.35
CA SER B 10 13.05 9.94 30.32
C SER B 10 13.51 11.25 29.67
N LEU B 11 14.76 11.26 29.22
CA LEU B 11 15.35 12.42 28.55
C LEU B 11 15.79 12.00 27.18
N GLY B 12 15.54 12.81 26.16
CA GLY B 12 15.94 12.32 24.83
C GLY B 12 15.84 13.45 23.81
N ILE B 13 15.77 13.05 22.55
CA ILE B 13 15.73 14.05 21.47
C ILE B 13 14.68 13.70 20.47
N GLU B 14 14.23 14.71 19.71
CA GLU B 14 13.25 14.34 18.65
C GLU B 14 13.98 13.72 17.47
N THR B 15 13.44 12.64 16.89
CA THR B 15 14.03 12.11 15.66
C THR B 15 12.99 12.21 14.59
N MET B 16 13.43 11.97 13.36
CA MET B 16 12.62 12.11 12.14
C MET B 16 11.15 11.70 12.30
N GLY B 17 10.22 12.59 11.92
CA GLY B 17 8.80 12.17 11.99
C GLY B 17 8.18 12.61 13.31
N GLY B 18 8.96 13.30 14.17
CA GLY B 18 8.44 13.91 15.43
C GLY B 18 8.25 12.85 16.54
N VAL B 19 9.16 11.89 16.65
CA VAL B 19 9.06 10.90 17.73
CA VAL B 19 9.14 10.81 17.66
C VAL B 19 10.16 11.19 18.69
N MET B 20 9.86 10.88 19.96
CA MET B 20 10.90 11.03 20.96
C MET B 20 11.75 9.75 21.01
N THR B 21 13.05 9.95 20.98
CA THR B 21 14.01 8.87 21.15
C THR B 21 14.80 9.12 22.41
N THR B 22 14.69 8.16 23.33
CA THR B 22 15.27 8.30 24.67
C THR B 22 16.78 8.08 24.75
N LEU B 23 17.53 8.93 25.43
CA LEU B 23 18.96 8.76 25.67
C LEU B 23 19.14 8.35 27.11
N ILE B 24 18.35 8.94 28.01
CA ILE B 24 18.45 8.49 29.43
C ILE B 24 17.05 8.06 29.89
N ALA B 25 16.93 6.80 30.29
CA ALA B 25 15.60 6.28 30.78
C ALA B 25 15.12 6.91 32.04
N LYS B 26 13.81 7.03 32.21
CA LYS B 26 13.29 7.51 33.49
C LYS B 26 13.81 6.65 34.63
N ASN B 27 14.00 7.34 35.74
CA ASN B 27 14.45 6.74 36.99
C ASN B 27 15.88 6.26 36.92
N THR B 28 16.68 6.81 36.00
CA THR B 28 18.14 6.51 35.97
C THR B 28 18.80 7.28 37.09
N THR B 29 19.72 6.61 37.78
CA THR B 29 20.45 7.33 38.85
C THR B 29 21.40 8.42 38.31
N ILE B 30 21.53 9.48 39.06
CA ILE B 30 22.52 10.50 38.70
C ILE B 30 23.74 10.34 39.62
N PRO B 31 24.93 10.76 39.13
CA PRO B 31 25.16 11.30 37.76
C PRO B 31 25.17 10.15 36.72
N THR B 32 24.99 10.50 35.44
CA THR B 32 24.95 9.49 34.40
C THR B 32 25.31 10.12 33.05
N LYS B 33 25.75 9.29 32.11
CA LYS B 33 26.05 9.83 30.78
C LYS B 33 25.68 8.74 29.81
N HIS B 34 25.10 9.07 28.66
CA HIS B 34 24.88 8.05 27.64
CA HIS B 34 24.80 8.07 27.67
C HIS B 34 24.89 8.72 26.32
N SER B 35 25.35 7.99 25.31
CA SER B 35 25.50 8.58 24.00
CA SER B 35 25.44 8.59 24.01
C SER B 35 24.83 7.68 22.96
N GLN B 36 24.44 8.28 21.83
CA GLN B 36 23.93 7.47 20.69
C GLN B 36 24.26 8.21 19.41
N VAL B 37 24.46 7.45 18.35
CA VAL B 37 24.86 8.03 17.07
C VAL B 37 23.60 8.09 16.17
N PHE B 38 23.41 9.24 15.54
CA PHE B 38 22.28 9.47 14.63
C PHE B 38 22.79 9.89 13.28
N SER B 39 21.91 9.90 12.28
CA SER B 39 22.37 10.41 10.99
C SER B 39 21.37 11.46 10.53
N THR B 40 21.48 11.88 9.27
CA THR B 40 20.61 12.90 8.72
C THR B 40 19.40 12.23 8.00
N ALA B 41 18.31 12.99 7.95
CA ALA B 41 16.97 12.49 7.51
C ALA B 41 16.86 12.56 6.00
N GLU B 42 17.58 13.49 5.41
CA GLU B 42 17.45 13.73 3.95
C GLU B 42 18.82 13.89 3.34
N ASP B 43 18.92 13.63 2.04
CA ASP B 43 20.22 13.83 1.38
C ASP B 43 20.69 15.28 1.43
N ASN B 44 22.01 15.46 1.52
CA ASN B 44 22.66 16.75 1.45
C ASN B 44 22.25 17.70 2.52
N GLN B 45 21.83 17.14 3.66
CA GLN B 45 21.50 17.94 4.80
C GLN B 45 22.81 18.49 5.40
N SER B 46 22.89 19.80 5.58
CA SER B 46 24.12 20.41 6.11
C SER B 46 24.03 20.74 7.65
N ALA B 47 22.86 20.51 8.23
CA ALA B 47 22.68 20.67 9.68
C ALA B 47 21.66 19.68 10.25
N VAL B 48 21.75 19.52 11.57
CA VAL B 48 20.73 18.74 12.33
C VAL B 48 20.28 19.60 13.48
N THR B 49 18.99 19.52 13.78
CA THR B 49 18.48 20.16 14.96
C THR B 49 18.37 19.14 16.09
N ILE B 50 18.94 19.52 17.22
CA ILE B 50 18.92 18.66 18.44
C ILE B 50 17.85 19.30 19.32
N HIS B 51 16.67 18.65 19.40
CA HIS B 51 15.57 19.15 20.22
C HIS B 51 15.53 18.29 21.44
N VAL B 52 15.88 18.86 22.60
CA VAL B 52 15.99 18.05 23.87
C VAL B 52 14.60 18.00 24.55
N LEU B 53 14.17 16.79 24.94
CA LEU B 53 12.83 16.51 25.45
C LEU B 53 12.87 15.70 26.72
N GLN B 54 11.93 16.02 27.61
CA GLN B 54 11.71 15.29 28.83
C GLN B 54 10.32 14.72 28.80
N GLY B 55 10.19 13.41 29.07
CA GLY B 55 8.81 12.81 29.14
C GLY B 55 8.80 11.37 28.60
N GLU B 56 7.61 10.76 28.62
CA GLU B 56 7.44 9.34 28.41
C GLU B 56 6.64 9.10 27.17
N ARG B 57 6.23 10.17 26.49
CA ARG B 57 5.31 9.91 25.34
C ARG B 57 6.09 9.67 24.06
N LYS B 58 5.52 8.88 23.12
CA LYS B 58 6.32 8.62 21.90
C LYS B 58 6.21 9.76 20.92
N ARG B 59 5.09 10.47 20.92
CA ARG B 59 5.00 11.67 20.10
C ARG B 59 5.87 12.78 20.77
N ALA B 60 6.92 13.27 20.06
CA ALA B 60 7.86 14.27 20.64
C ALA B 60 7.09 15.44 21.19
N ALA B 61 6.08 15.92 20.42
CA ALA B 61 5.42 17.16 20.81
C ALA B 61 4.71 16.97 22.17
N ASP B 62 4.36 15.74 22.58
CA ASP B 62 3.64 15.56 23.86
C ASP B 62 4.59 15.67 25.10
N ASN B 63 5.91 15.72 24.87
CA ASN B 63 6.90 15.79 25.96
C ASN B 63 7.29 17.25 26.14
N LYS B 64 7.99 17.55 27.23
CA LYS B 64 8.39 18.90 27.51
C LYS B 64 9.75 19.24 26.87
N SER B 65 9.78 20.27 26.04
CA SER B 65 11.04 20.70 25.47
CA SER B 65 11.06 20.77 25.49
C SER B 65 11.92 21.35 26.59
N LEU B 66 13.19 20.97 26.64
CA LEU B 66 14.18 21.54 27.58
C LEU B 66 15.13 22.51 26.86
N GLY B 67 15.20 22.43 25.54
CA GLY B 67 16.07 23.33 24.83
C GLY B 67 16.32 22.75 23.44
N GLN B 68 17.00 23.52 22.63
CA GLN B 68 17.24 23.06 21.27
C GLN B 68 18.39 23.79 20.69
N PHE B 69 19.14 23.13 19.81
CA PHE B 69 20.29 23.83 19.20
C PHE B 69 20.58 23.11 17.90
N ASN B 70 21.31 23.77 17.00
CA ASN B 70 21.67 23.13 15.70
C ASN B 70 23.16 22.81 15.69
N LEU B 71 23.46 21.71 15.00
CA LEU B 71 24.84 21.44 14.65
C LEU B 71 24.89 21.59 13.14
N ASP B 72 25.66 22.57 12.67
CA ASP B 72 25.72 22.78 11.21
CA ASP B 72 25.75 22.96 11.25
C ASP B 72 27.11 22.44 10.71
N GLY B 73 27.43 22.75 9.45
CA GLY B 73 28.72 22.39 8.89
C GLY B 73 28.87 20.91 8.51
N ILE B 74 27.75 20.14 8.46
CA ILE B 74 27.82 18.75 7.98
C ILE B 74 28.09 18.69 6.46
N ASN B 75 29.09 17.87 6.11
CA ASN B 75 29.49 17.70 4.72
C ASN B 75 28.29 17.11 3.94
N PRO B 76 27.89 17.73 2.80
CA PRO B 76 26.77 17.15 2.05
C PRO B 76 27.00 15.66 1.70
N ALA B 77 26.01 14.83 1.98
CA ALA B 77 26.14 13.37 1.76
C ALA B 77 24.69 12.83 1.71
N PRO B 78 24.52 11.59 1.24
CA PRO B 78 23.24 10.91 1.25
C PRO B 78 22.70 10.80 2.70
N ARG B 79 21.37 10.78 2.82
CA ARG B 79 20.77 10.64 4.14
C ARG B 79 21.27 9.32 4.71
N GLY B 80 21.53 9.31 5.98
CA GLY B 80 21.96 8.07 6.65
C GLY B 80 23.48 7.89 6.66
N MET B 81 24.23 8.69 5.91
CA MET B 81 25.69 8.52 5.88
C MET B 81 26.38 9.33 6.97
N PRO B 82 26.00 10.63 7.18
CA PRO B 82 26.68 11.30 8.30
C PRO B 82 26.51 10.61 9.66
N GLN B 83 27.50 10.79 10.56
CA GLN B 83 27.41 10.22 11.91
C GLN B 83 27.50 11.37 12.94
N ILE B 84 26.42 11.54 13.72
CA ILE B 84 26.37 12.65 14.64
C ILE B 84 26.16 11.98 15.98
N GLU B 85 27.15 12.06 16.85
CA GLU B 85 27.07 11.44 18.18
C GLU B 85 26.43 12.43 19.12
N VAL B 86 25.31 12.03 19.75
CA VAL B 86 24.65 12.90 20.68
C VAL B 86 24.92 12.33 22.06
N THR B 87 25.41 13.17 22.98
CA THR B 87 25.67 12.72 24.33
C THR B 87 24.83 13.49 25.37
N PHE B 88 24.17 12.79 26.30
CA PHE B 88 23.50 13.43 27.42
C PHE B 88 24.29 13.07 28.68
N ASP B 89 24.62 14.08 29.46
CA ASP B 89 25.32 13.83 30.68
C ASP B 89 24.64 14.67 31.78
N ILE B 90 24.17 14.01 32.83
CA ILE B 90 23.57 14.75 33.93
C ILE B 90 24.51 14.67 35.06
N ASP B 91 24.93 15.80 35.61
CA ASP B 91 25.92 15.70 36.66
C ASP B 91 25.24 15.55 38.00
N ALA B 92 26.04 15.53 39.07
CA ALA B 92 25.52 15.32 40.40
C ALA B 92 24.62 16.43 40.95
N ASP B 93 24.68 17.65 40.36
CA ASP B 93 23.83 18.76 40.71
C ASP B 93 22.53 18.75 39.80
N GLY B 94 22.36 17.71 38.99
CA GLY B 94 21.13 17.58 38.19
C GLY B 94 21.22 18.55 36.98
N ILE B 95 22.39 19.10 36.63
CA ILE B 95 22.54 19.94 35.38
C ILE B 95 22.76 18.96 34.26
N LEU B 96 21.98 19.17 33.16
CA LEU B 96 22.10 18.28 32.02
C LEU B 96 22.91 18.93 30.94
N HIS B 97 23.93 18.22 30.46
CA HIS B 97 24.77 18.73 29.41
C HIS B 97 24.49 17.93 28.20
N VAL B 98 24.15 18.58 27.10
CA VAL B 98 23.81 17.78 25.89
C VAL B 98 24.75 18.29 24.81
N SER B 99 25.45 17.37 24.15
CA SER B 99 26.33 17.81 23.01
C SER B 99 26.02 16.97 21.77
N ALA B 100 26.29 17.56 20.58
CA ALA B 100 26.20 16.85 19.33
C ALA B 100 27.54 17.04 18.62
N LYS B 101 28.11 15.92 18.13
CA LYS B 101 29.43 15.96 17.50
C LYS B 101 29.38 15.23 16.20
N ASP B 102 29.89 15.87 15.16
CA ASP B 102 29.99 15.20 13.89
C ASP B 102 31.27 14.36 13.94
N LYS B 103 31.12 13.04 13.76
CA LYS B 103 32.23 12.10 13.99
C LYS B 103 33.27 12.19 12.89
N ASN B 104 32.88 12.77 11.75
CA ASN B 104 33.78 13.00 10.60
C ASN B 104 34.76 14.16 10.91
N SER B 105 34.23 15.33 11.27
CA SER B 105 35.09 16.51 11.50
C SER B 105 35.46 16.79 12.96
N GLY B 106 34.65 16.30 13.90
CA GLY B 106 34.83 16.60 15.32
C GLY B 106 34.14 17.89 15.71
N LYS B 107 33.57 18.62 14.75
CA LYS B 107 32.76 19.83 15.01
C LYS B 107 31.69 19.43 16.03
N GLU B 108 31.49 20.29 17.01
CA GLU B 108 30.60 19.96 18.13
C GLU B 108 29.88 21.18 18.62
N GLN B 109 28.67 20.98 19.11
CA GLN B 109 27.90 22.06 19.67
C GLN B 109 27.29 21.48 20.94
N LYS B 110 27.08 22.30 21.96
CA LYS B 110 26.56 21.76 23.22
C LYS B 110 25.71 22.81 23.92
N ILE B 111 24.77 22.40 24.79
CA ILE B 111 24.05 23.34 25.66
C ILE B 111 24.04 22.77 27.04
N THR B 112 23.72 23.60 28.04
CA THR B 112 23.62 23.20 29.43
C THR B 112 22.24 23.58 29.86
N ILE B 113 21.55 22.64 30.54
CA ILE B 113 20.21 22.85 30.94
C ILE B 113 20.16 22.72 32.46
N LYS B 114 19.58 23.74 33.10
CA LYS B 114 19.67 23.82 34.57
C LYS B 114 18.76 22.75 35.21
N ALA B 115 19.10 22.37 36.44
CA ALA B 115 18.44 21.26 37.18
C ALA B 115 16.93 21.52 37.39
N SER B 116 16.56 22.80 37.43
CA SER B 116 15.16 23.11 37.69
C SER B 116 14.29 23.06 36.47
N SER B 117 14.89 22.87 35.32
CA SER B 117 14.15 22.83 34.06
C SER B 117 13.13 21.71 34.09
N GLY B 118 12.19 21.81 33.15
CA GLY B 118 11.29 20.66 32.94
C GLY B 118 10.08 20.69 33.85
N LEU B 119 9.46 19.54 33.91
CA LEU B 119 8.13 19.36 34.53
C LEU B 119 8.31 19.29 36.07
N ASN B 120 7.31 19.82 36.78
CA ASN B 120 7.37 19.74 38.25
C ASN B 120 6.81 18.38 38.73
N GLU B 121 6.80 18.12 40.05
CA GLU B 121 6.31 16.83 40.53
C GLU B 121 4.91 16.47 40.16
N ASP B 122 3.94 17.42 40.24
CA ASP B 122 2.58 17.08 39.86
CA ASP B 122 2.53 17.24 39.79
C ASP B 122 2.53 16.72 38.35
N GLU B 123 3.27 17.47 37.54
CA GLU B 123 3.30 17.27 36.11
C GLU B 123 3.98 15.96 35.76
N ILE B 124 4.99 15.65 36.55
CA ILE B 124 5.68 14.36 36.35
C ILE B 124 4.69 13.19 36.55
N GLN B 125 3.94 13.24 37.66
CA GLN B 125 2.95 12.17 37.95
C GLN B 125 1.95 12.06 36.80
N LYS B 126 1.41 13.20 36.34
CA LYS B 126 0.48 13.21 35.20
C LYS B 126 1.09 12.61 33.96
N MET B 127 2.33 12.94 33.69
CA MET B 127 3.00 12.50 32.46
C MET B 127 3.12 10.97 32.49
N VAL B 128 3.47 10.43 33.67
CA VAL B 128 3.64 8.96 33.79
C VAL B 128 2.25 8.29 33.62
N ARG B 129 1.25 8.86 34.25
CA ARG B 129 -0.12 8.30 34.12
C ARG B 129 -0.63 8.35 32.66
N ASP B 130 -0.41 9.49 32.00
CA ASP B 130 -0.81 9.66 30.60
C ASP B 130 -0.09 8.65 29.72
N ALA B 131 1.21 8.44 29.98
CA ALA B 131 1.95 7.51 29.12
C ALA B 131 1.39 6.08 29.28
N GLU B 132 1.01 5.75 30.52
CA GLU B 132 0.44 4.39 30.77
C GLU B 132 -0.94 4.25 30.10
N ALA B 133 -1.76 5.27 30.22
CA ALA B 133 -3.14 5.25 29.65
C ALA B 133 -3.09 5.25 28.11
N ASN B 134 -2.01 5.83 27.56
CA ASN B 134 -1.89 5.91 26.10
C ASN B 134 -0.88 5.00 25.48
N ALA B 135 -0.61 3.85 26.11
CA ALA B 135 0.53 3.02 25.68
C ALA B 135 0.26 2.47 24.26
N GLU B 136 -0.98 1.99 24.05
CA GLU B 136 -1.33 1.53 22.67
C GLU B 136 -1.33 2.66 21.60
N ALA B 137 -1.97 3.81 21.85
CA ALA B 137 -1.96 4.84 20.84
C ALA B 137 -0.52 5.26 20.59
N ASP B 138 0.32 5.25 21.63
CA ASP B 138 1.71 5.60 21.36
C ASP B 138 2.45 4.64 20.45
N ARG B 139 2.22 3.34 20.62
CA ARG B 139 2.84 2.33 19.81
C ARG B 139 2.30 2.51 18.38
N LYS B 140 1.00 2.79 18.25
CA LYS B 140 0.48 3.04 16.89
C LYS B 140 1.12 4.24 16.23
N PHE B 141 1.36 5.32 16.99
CA PHE B 141 1.94 6.50 16.44
C PHE B 141 3.38 6.12 15.99
N GLU B 142 4.12 5.38 16.82
CA GLU B 142 5.47 4.92 16.39
C GLU B 142 5.42 4.21 15.00
N GLU B 143 4.46 3.33 14.86
CA GLU B 143 4.30 2.59 13.61
C GLU B 143 3.93 3.54 12.45
N LEU B 144 3.06 4.51 12.74
CA LEU B 144 2.69 5.49 11.78
C LEU B 144 3.93 6.29 11.31
N VAL B 145 4.71 6.76 12.27
CA VAL B 145 5.91 7.49 11.89
C VAL B 145 6.94 6.68 11.05
N GLN B 146 7.08 5.41 11.37
CA GLN B 146 7.96 4.51 10.57
C GLN B 146 7.50 4.57 9.11
N THR B 147 6.19 4.45 8.91
CA THR B 147 5.61 4.49 7.55
C THR B 147 5.73 5.88 6.90
N ARG B 148 5.43 6.95 7.70
CA ARG B 148 5.64 8.30 7.20
C ARG B 148 7.08 8.57 6.76
N ASN B 149 8.06 8.05 7.49
CA ASN B 149 9.47 8.35 7.17
C ASN B 149 9.83 7.63 5.88
N GLN B 150 9.33 6.41 5.74
CA GLN B 150 9.49 5.72 4.45
C GLN B 150 8.86 6.46 3.31
N GLY B 151 7.60 6.89 3.50
CA GLY B 151 6.87 7.62 2.46
C GLY B 151 7.62 8.90 2.12
N ASP B 152 8.11 9.59 3.15
CA ASP B 152 8.83 10.79 2.89
C ASP B 152 10.11 10.52 2.08
N HIS B 153 10.86 9.48 2.46
CA HIS B 153 12.01 9.14 1.64
C HIS B 153 11.69 8.79 0.19
N LEU B 154 10.58 8.09 -0.02
CA LEU B 154 10.17 7.68 -1.35
C LEU B 154 9.79 8.97 -2.12
N LEU B 155 9.10 9.91 -1.48
CA LEU B 155 8.80 11.20 -2.16
C LEU B 155 10.06 11.84 -2.70
N HIS B 156 11.05 11.91 -1.84
CA HIS B 156 12.29 12.54 -2.19
C HIS B 156 13.03 11.80 -3.22
N SER B 157 13.16 10.48 -3.14
CA SER B 157 13.98 9.82 -4.15
CA SER B 157 13.99 9.82 -4.15
C SER B 157 13.25 9.89 -5.48
N THR B 158 11.91 9.79 -5.46
CA THR B 158 11.12 9.89 -6.69
C THR B 158 11.28 11.25 -7.39
N ARG B 159 11.07 12.32 -6.64
CA ARG B 159 11.25 13.71 -7.17
C ARG B 159 12.65 13.89 -7.76
N LYS B 160 13.67 13.35 -7.08
CA LYS B 160 15.04 13.38 -7.62
C LYS B 160 15.03 12.67 -8.97
N GLN B 161 14.51 11.44 -9.03
CA GLN B 161 14.58 10.68 -10.27
C GLN B 161 13.86 11.35 -11.45
N VAL B 162 12.74 12.03 -11.17
CA VAL B 162 11.99 12.84 -12.14
C VAL B 162 12.90 13.98 -12.63
N GLU B 163 13.60 14.67 -11.72
CA GLU B 163 14.61 15.66 -12.14
C GLU B 163 15.72 14.99 -12.95
N GLU B 164 16.22 13.82 -12.52
CA GLU B 164 17.24 13.14 -13.34
C GLU B 164 16.75 12.62 -14.69
N ALA B 165 15.43 12.45 -14.85
CA ALA B 165 14.86 11.96 -16.15
C ALA B 165 14.57 13.09 -17.16
N GLY B 166 14.42 14.32 -16.65
CA GLY B 166 14.16 15.52 -17.47
C GLY B 166 13.18 15.38 -18.63
N ASP B 167 13.55 15.99 -19.77
CA ASP B 167 12.80 15.93 -21.03
C ASP B 167 12.48 14.52 -21.45
N LYS B 168 13.17 13.54 -20.89
CA LYS B 168 13.06 12.17 -21.36
C LYS B 168 11.86 11.41 -20.73
N LEU B 169 11.25 11.97 -19.69
CA LEU B 169 10.14 11.25 -19.05
C LEU B 169 8.92 11.49 -19.92
N PRO B 170 8.33 10.40 -20.51
CA PRO B 170 7.15 10.69 -21.35
C PRO B 170 6.13 11.55 -20.56
N ALA B 171 5.46 12.50 -21.20
CA ALA B 171 4.46 13.34 -20.49
C ALA B 171 3.45 12.50 -19.72
N ASP B 172 3.04 11.39 -20.32
CA ASP B 172 2.04 10.55 -19.69
C ASP B 172 2.54 9.97 -18.40
N ASP B 173 3.77 9.47 -18.38
CA ASP B 173 4.38 9.04 -17.11
C ASP B 173 4.55 10.20 -16.10
N LYS B 174 4.97 11.37 -16.57
CA LYS B 174 5.21 12.50 -15.67
C LYS B 174 3.93 12.92 -14.94
N THR B 175 2.82 13.04 -15.71
CA THR B 175 1.50 13.40 -15.12
C THR B 175 1.05 12.41 -14.04
N ALA B 176 1.14 11.13 -14.38
CA ALA B 176 0.76 10.06 -13.45
C ALA B 176 1.60 10.12 -12.20
N ILE B 177 2.91 10.31 -12.36
CA ILE B 177 3.83 10.28 -11.22
C ILE B 177 3.58 11.55 -10.36
N GLU B 178 3.38 12.71 -10.99
CA GLU B 178 3.15 13.92 -10.24
C GLU B 178 1.85 13.83 -9.43
N SER B 179 0.80 13.27 -10.04
CA SER B 179 -0.47 13.10 -9.31
C SER B 179 -0.24 12.16 -8.14
N ALA B 180 0.46 11.04 -8.39
CA ALA B 180 0.78 10.13 -7.27
C ALA B 180 1.66 10.76 -6.15
N LEU B 181 2.61 11.59 -6.53
CA LEU B 181 3.42 12.28 -5.53
C LEU B 181 2.54 13.17 -4.69
N THR B 182 1.70 14.00 -5.34
CA THR B 182 0.71 14.86 -4.62
C THR B 182 -0.12 14.00 -3.67
N ALA B 183 -0.59 12.84 -4.16
CA ALA B 183 -1.50 12.01 -3.36
C ALA B 183 -0.78 11.49 -2.10
N LEU B 184 0.46 11.04 -2.28
CA LEU B 184 1.28 10.57 -1.17
C LEU B 184 1.60 11.73 -0.18
N GLU B 185 1.99 12.90 -0.71
CA GLU B 185 2.30 14.10 0.15
C GLU B 185 1.04 14.39 1.00
N THR B 186 -0.15 14.29 0.43
CA THR B 186 -1.40 14.56 1.17
C THR B 186 -1.64 13.49 2.23
N ALA B 187 -1.44 12.23 1.86
CA ALA B 187 -1.64 11.10 2.80
C ALA B 187 -0.65 11.19 3.97
N LEU B 188 0.58 11.62 3.68
CA LEU B 188 1.57 11.70 4.77
C LEU B 188 1.17 12.64 5.90
N LYS B 189 0.37 13.65 5.62
CA LYS B 189 -0.08 14.56 6.70
C LYS B 189 -1.20 13.97 7.55
N GLY B 190 -1.85 12.94 7.05
CA GLY B 190 -2.89 12.26 7.87
C GLY B 190 -2.37 11.24 8.89
N GLU B 191 -3.26 10.61 9.66
CA GLU B 191 -2.80 9.62 10.64
C GLU B 191 -3.21 8.18 10.27
N ASP B 192 -3.46 7.95 9.00
CA ASP B 192 -3.98 6.62 8.54
C ASP B 192 -2.78 5.98 7.89
N LYS B 193 -2.16 5.05 8.61
CA LYS B 193 -0.93 4.38 8.12
C LYS B 193 -1.15 3.63 6.81
N ALA B 194 -2.24 2.88 6.78
CA ALA B 194 -2.54 2.09 5.59
C ALA B 194 -2.77 3.00 4.37
N ALA B 195 -3.38 4.18 4.58
CA ALA B 195 -3.60 5.11 3.43
C ALA B 195 -2.24 5.55 2.89
N ILE B 196 -1.25 5.77 3.75
CA ILE B 196 0.06 6.16 3.28
C ILE B 196 0.71 5.02 2.49
N GLU B 197 0.65 3.82 3.04
CA GLU B 197 1.26 2.64 2.39
C GLU B 197 0.60 2.43 1.00
N ALA B 198 -0.71 2.65 0.93
CA ALA B 198 -1.45 2.55 -0.34
C ALA B 198 -0.98 3.56 -1.36
N LYS B 199 -0.79 4.80 -0.93
CA LYS B 199 -0.31 5.83 -1.82
C LYS B 199 1.13 5.55 -2.24
N MET B 200 1.95 4.97 -1.35
CA MET B 200 3.34 4.56 -1.75
C MET B 200 3.17 3.50 -2.81
N GLN B 201 2.20 2.57 -2.61
CA GLN B 201 2.04 1.49 -3.61
C GLN B 201 1.62 2.06 -4.95
N GLU B 202 0.67 3.00 -4.92
CA GLU B 202 0.20 3.62 -6.22
C GLU B 202 1.31 4.39 -6.93
N LEU B 203 2.11 5.11 -6.15
CA LEU B 203 3.27 5.80 -6.68
C LEU B 203 4.28 4.81 -7.31
N ALA B 204 4.51 3.67 -6.63
CA ALA B 204 5.43 2.65 -7.12
C ALA B 204 4.88 2.15 -8.47
N GLN B 205 3.56 1.94 -8.56
CA GLN B 205 2.99 1.38 -9.76
C GLN B 205 3.17 2.29 -10.96
N VAL B 206 3.10 3.60 -10.78
CA VAL B 206 3.24 4.52 -11.95
C VAL B 206 4.70 4.89 -12.27
N SER B 207 5.61 4.29 -11.50
CA SER B 207 7.03 4.62 -11.48
C SER B 207 7.93 3.63 -12.18
N GLN B 208 7.34 2.62 -12.80
CA GLN B 208 8.09 1.46 -13.25
C GLN B 208 9.03 1.82 -14.38
N LYS B 209 8.58 2.64 -15.34
CA LYS B 209 9.48 3.08 -16.40
C LYS B 209 10.58 4.03 -15.87
N LEU B 210 10.28 4.76 -14.79
CA LEU B 210 11.24 5.71 -14.17
C LEU B 210 12.57 5.03 -13.78
N MET B 211 12.60 3.69 -13.75
CA MET B 211 13.85 2.89 -13.96
C MET B 211 13.77 1.90 -15.17
N ASN C 1 -4.08 -4.74 -21.15
CA ASN C 1 -4.00 -6.23 -21.09
C ASN C 1 -5.42 -6.81 -21.27
N ARG C 2 -5.53 -8.00 -21.82
CA ARG C 2 -6.84 -8.64 -21.88
C ARG C 2 -7.34 -8.81 -20.39
N LEU C 3 -8.64 -8.87 -20.27
CA LEU C 3 -9.28 -9.34 -19.05
C LEU C 3 -9.11 -10.85 -18.96
N MET C 4 -9.18 -11.34 -17.73
CA MET C 4 -8.82 -12.68 -17.39
C MET C 4 -9.98 -13.48 -16.92
N LEU C 5 -9.86 -14.79 -17.12
CA LEU C 5 -10.88 -15.78 -16.71
C LEU C 5 -10.34 -16.83 -15.77
N THR C 6 -11.10 -17.13 -14.72
CA THR C 6 -10.67 -18.25 -13.87
C THR C 6 -11.21 -19.58 -14.33
N GLY C 7 -10.76 -20.67 -13.71
CA GLY C 7 -11.36 -21.96 -14.10
C GLY C 7 -10.32 -23.01 -13.94
N ASN D 1 19.80 0.11 11.56
CA ASN D 1 20.16 1.42 10.92
C ASN D 1 19.98 2.54 11.98
N ARG D 2 20.87 3.53 11.95
CA ARG D 2 20.77 4.66 12.86
C ARG D 2 19.46 5.45 12.62
N LEU D 3 18.93 5.99 13.72
CA LEU D 3 17.86 6.95 13.61
C LEU D 3 18.35 8.27 13.04
N MET D 4 17.43 9.07 12.50
CA MET D 4 17.75 10.26 11.74
C MET D 4 17.21 11.49 12.39
N LEU D 5 17.84 12.60 12.08
CA LEU D 5 17.50 13.91 12.56
C LEU D 5 17.24 14.80 11.35
N THR D 6 16.19 15.61 11.45
CA THR D 6 15.94 16.67 10.46
C THR D 6 16.71 17.91 10.82
N GLY D 7 16.70 18.92 9.93
CA GLY D 7 17.27 20.17 10.37
C GLY D 7 17.81 21.05 9.27
S SO4 E . -29.38 -17.08 -11.05
O1 SO4 E . -29.85 -18.10 -12.05
O2 SO4 E . -28.79 -17.87 -9.96
O3 SO4 E . -28.33 -16.19 -11.45
O4 SO4 E . -30.58 -16.22 -10.56
S SO4 F . -25.79 -22.10 -13.75
O1 SO4 F . -25.34 -21.98 -15.15
O2 SO4 F . -26.28 -23.49 -13.47
O3 SO4 F . -24.68 -21.70 -12.85
O4 SO4 F . -26.88 -21.12 -13.53
S SO4 G . -38.26 -18.00 -38.46
O1 SO4 G . -37.66 -19.36 -38.29
O2 SO4 G . -37.83 -17.22 -37.29
O3 SO4 G . -37.85 -17.33 -39.74
O4 SO4 G . -39.74 -18.09 -38.47
S SO4 H . -17.11 -10.06 -1.17
O1 SO4 H . -17.21 -11.19 -2.14
O2 SO4 H . -15.72 -9.97 -0.67
O3 SO4 H . -17.45 -8.77 -1.84
O4 SO4 H . -18.05 -10.37 -0.02
S SO4 I . -2.27 -8.75 -24.45
O1 SO4 I . -2.94 -10.02 -24.83
O2 SO4 I . -0.79 -8.97 -24.57
O3 SO4 I . -2.77 -7.66 -25.34
O4 SO4 I . -2.61 -8.36 -23.06
#